data_7ETL
#
_entry.id   7ETL
#
_cell.length_a   60.252
_cell.length_b   45.383
_cell.length_c   104.963
_cell.angle_alpha   90.000
_cell.angle_beta   100.264
_cell.angle_gamma   90.000
#
_symmetry.space_group_name_H-M   'P 1 21 1'
#
loop_
_entity.id
_entity.type
_entity.pdbx_description
1 polymer 'Verruculogen synthase'
2 non-polymer 'COBALT (II) ION'
3 non-polymer 'SULFATE ION'
4 non-polymer 'CHLORIDE ION'
5 non-polymer '2-OXOGLUTARIC ACID'
6 non-polymer 'FE (II) ION'
7 non-polymer 1,2-ETHANEDIOL
8 water water
#
_entity_poly.entity_id   1
_entity_poly.type   'polypeptide(L)'
_entity_poly.pdbx_seq_one_letter_code
;MTVDSKPQLQRLAADADVDRMCRLLEEDGAFILKGLLPFDVVESFNRELDVQMAIPPPKGERLLADKFPPHFKYVPNVAT
TCPTFRNTVLINPVIHAICEAYFQRTGDYWLSAAFLREIESGMPAQPFHRDDATHPLMHYQPLEAPPVSLSVIFPLTEFT
EENGATEVILGSHRWTEVGTPERDQAVLATMDPGDVLIVRQRVVHAGGGNRTTAGKPRRVVLAYFNSVQLTPFETYRTMP
REMVESMTVLGQRMLGWRTMKPSDPNIVGINLIDDKRLENVLQLKAADSPALEVDLQGDHGLSAWSHPQFEK
;
_entity_poly.pdbx_strand_id   A,B
#
loop_
_chem_comp.id
_chem_comp.type
_chem_comp.name
_chem_comp.formula
AKG non-polymer '2-OXOGLUTARIC ACID' 'C5 H6 O5'
CL non-polymer 'CHLORIDE ION' 'Cl -1'
CO non-polymer 'COBALT (II) ION' 'Co 2'
EDO non-polymer 1,2-ETHANEDIOL 'C2 H6 O2'
FE2 non-polymer 'FE (II) ION' 'Fe 2'
SO4 non-polymer 'SULFATE ION' 'O4 S -2'
#
# COMPACT_ATOMS: atom_id res chain seq x y z
N LYS A 6 -24.77 20.85 22.61
CA LYS A 6 -23.52 20.18 22.29
C LYS A 6 -22.63 21.00 21.36
N PRO A 7 -21.32 20.93 21.57
CA PRO A 7 -20.39 21.50 20.58
C PRO A 7 -20.63 20.89 19.20
N GLN A 8 -20.69 21.75 18.20
CA GLN A 8 -21.08 21.34 16.86
C GLN A 8 -19.85 21.25 15.96
N LEU A 9 -20.03 20.60 14.80
CA LEU A 9 -19.02 20.68 13.74
C LEU A 9 -18.86 22.11 13.26
N GLN A 10 -17.61 22.54 13.10
CA GLN A 10 -17.33 23.86 12.56
C GLN A 10 -17.36 23.85 11.04
N ARG A 11 -18.03 24.87 10.47
CA ARG A 11 -18.11 25.09 9.03
C ARG A 11 -17.16 26.20 8.63
N LEU A 12 -16.22 25.89 7.74
CA LEU A 12 -15.16 26.83 7.37
C LEU A 12 -15.23 27.15 5.88
N ALA A 13 -15.03 28.42 5.54
CA ALA A 13 -14.97 28.78 4.12
C ALA A 13 -13.66 28.30 3.50
N ALA A 14 -13.61 28.33 2.17
CA ALA A 14 -12.47 27.74 1.46
C ALA A 14 -11.16 28.47 1.73
N ASP A 15 -11.22 29.76 2.08
CA ASP A 15 -10.01 30.50 2.38
C ASP A 15 -9.62 30.45 3.84
N ALA A 16 -10.28 29.60 4.64
CA ALA A 16 -9.96 29.51 6.06
C ALA A 16 -8.52 29.06 6.29
N ASP A 17 -8.09 29.24 7.53
CA ASP A 17 -6.73 28.95 7.92
C ASP A 17 -6.46 27.43 7.93
N VAL A 18 -5.40 27.01 7.24
CA VAL A 18 -5.12 25.59 7.14
C VAL A 18 -4.65 25.01 8.47
N ASP A 19 -3.82 25.75 9.22
CA ASP A 19 -3.40 25.28 10.54
C ASP A 19 -4.61 25.06 11.44
N ARG A 20 -5.59 25.95 11.37
CA ARG A 20 -6.82 25.79 12.13
C ARG A 20 -7.54 24.49 11.75
N MET A 21 -7.64 24.21 10.45
CA MET A 21 -8.30 22.99 9.99
C MET A 21 -7.59 21.76 10.51
N CYS A 22 -6.26 21.77 10.44
CA CYS A 22 -5.46 20.68 10.96
C CYS A 22 -5.70 20.47 12.45
N ARG A 23 -5.88 21.57 13.20
CA ARG A 23 -6.11 21.45 14.63
C ARG A 23 -7.52 20.98 14.94
N LEU A 24 -8.51 21.36 14.10
CA LEU A 24 -9.84 20.80 14.25
C LEU A 24 -9.81 19.28 14.10
N LEU A 25 -9.04 18.78 13.13
CA LEU A 25 -8.93 17.34 12.94
C LEU A 25 -8.34 16.68 14.16
N GLU A 26 -7.37 17.33 14.80
CA GLU A 26 -6.73 16.77 15.99
C GLU A 26 -7.61 16.87 17.22
N GLU A 27 -8.40 17.94 17.35
CA GLU A 27 -9.23 18.10 18.56
C GLU A 27 -10.63 17.51 18.39
N ASP A 28 -11.41 18.00 17.42
CA ASP A 28 -12.74 17.49 17.18
C ASP A 28 -12.75 16.18 16.39
N GLY A 29 -11.79 16.00 15.48
CA GLY A 29 -11.77 14.85 14.60
C GLY A 29 -12.46 15.04 13.26
N ALA A 30 -13.07 16.19 13.02
CA ALA A 30 -13.88 16.43 11.82
C ALA A 30 -14.23 17.90 11.74
N PHE A 31 -14.45 18.37 10.51
CA PHE A 31 -15.00 19.70 10.25
C PHE A 31 -15.56 19.69 8.83
N ILE A 32 -16.21 20.80 8.46
CA ILE A 32 -16.90 20.94 7.19
C ILE A 32 -16.36 22.14 6.44
N LEU A 33 -16.11 21.96 5.14
CA LEU A 33 -15.78 23.07 4.25
C LEU A 33 -17.08 23.54 3.62
N LYS A 34 -17.50 24.77 3.94
CA LYS A 34 -18.77 25.29 3.44
C LYS A 34 -18.62 25.81 2.02
N GLY A 35 -19.49 25.36 1.14
CA GLY A 35 -19.51 25.88 -0.22
C GLY A 35 -18.19 25.77 -0.96
N LEU A 36 -17.46 24.65 -0.75
CA LEU A 36 -16.20 24.47 -1.48
C LEU A 36 -16.43 24.35 -2.98
N LEU A 37 -17.43 23.58 -3.39
CA LEU A 37 -17.69 23.31 -4.81
C LEU A 37 -18.87 24.14 -5.26
N PRO A 38 -18.73 24.89 -6.36
CA PRO A 38 -19.88 25.67 -6.84
C PRO A 38 -20.95 24.75 -7.40
N PHE A 39 -22.17 25.28 -7.47
CA PHE A 39 -23.32 24.45 -7.78
C PHE A 39 -23.20 23.78 -9.15
N ASP A 40 -22.53 24.43 -10.10
CA ASP A 40 -22.46 23.87 -11.46
C ASP A 40 -21.52 22.68 -11.53
N VAL A 41 -20.43 22.71 -10.75
CA VAL A 41 -19.57 21.53 -10.62
C VAL A 41 -20.35 20.38 -10.02
N VAL A 42 -21.09 20.66 -8.94
CA VAL A 42 -21.89 19.63 -8.26
C VAL A 42 -22.89 19.00 -9.23
N GLU A 43 -23.61 19.83 -9.98
CA GLU A 43 -24.64 19.29 -10.85
C GLU A 43 -24.05 18.56 -12.05
N SER A 44 -22.93 19.04 -12.59
CA SER A 44 -22.25 18.29 -13.64
C SER A 44 -21.80 16.93 -13.14
N PHE A 45 -21.34 16.87 -11.88
CA PHE A 45 -20.93 15.61 -11.28
C PHE A 45 -22.13 14.67 -11.10
N ASN A 46 -23.23 15.20 -10.54
CA ASN A 46 -24.45 14.42 -10.39
C ASN A 46 -24.94 13.86 -11.73
N ARG A 47 -24.86 14.67 -12.80
CA ARG A 47 -25.27 14.21 -14.12
C ARG A 47 -24.38 13.04 -14.60
N GLU A 48 -23.06 13.18 -14.47
CA GLU A 48 -22.16 12.08 -14.83
C GLU A 48 -22.49 10.84 -14.01
N LEU A 49 -22.85 11.02 -12.74
CA LEU A 49 -23.16 9.89 -11.89
C LEU A 49 -24.49 9.23 -12.29
N ASP A 50 -25.48 10.04 -12.67
CA ASP A 50 -26.75 9.51 -13.19
C ASP A 50 -26.52 8.59 -14.38
N VAL A 51 -25.64 8.97 -15.30
CA VAL A 51 -25.37 8.13 -16.45
C VAL A 51 -24.83 6.78 -16.01
N GLN A 52 -23.93 6.76 -15.03
CA GLN A 52 -23.37 5.50 -14.56
C GLN A 52 -24.43 4.63 -13.91
N MET A 53 -25.34 5.22 -13.13
CA MET A 53 -26.37 4.43 -12.47
C MET A 53 -27.42 3.91 -13.45
N ALA A 54 -27.59 4.54 -14.60
CA ALA A 54 -28.55 4.10 -15.59
C ALA A 54 -28.05 2.93 -16.43
N ILE A 55 -26.77 2.57 -16.33
CA ILE A 55 -26.26 1.42 -17.11
C ILE A 55 -26.97 0.15 -16.67
N PRO A 56 -27.38 -0.72 -17.57
CA PRO A 56 -28.10 -1.94 -17.17
C PRO A 56 -27.18 -2.88 -16.42
N PRO A 57 -27.75 -3.79 -15.62
CA PRO A 57 -26.91 -4.72 -14.86
C PRO A 57 -26.12 -5.62 -15.78
N PRO A 58 -24.85 -5.86 -15.46
CA PRO A 58 -24.02 -6.75 -16.26
C PRO A 58 -24.32 -8.22 -15.94
N LYS A 59 -23.85 -9.08 -16.85
CA LYS A 59 -23.96 -10.52 -16.62
C LYS A 59 -22.83 -11.05 -15.76
N GLY A 60 -21.66 -10.39 -15.79
CA GLY A 60 -20.49 -10.89 -15.08
C GLY A 60 -20.50 -10.60 -13.58
N GLU A 61 -19.50 -11.17 -12.91
CA GLU A 61 -19.29 -10.97 -11.48
C GLU A 61 -19.12 -9.49 -11.14
N ARG A 62 -19.67 -9.07 -10.00
CA ARG A 62 -19.42 -7.74 -9.45
C ARG A 62 -19.16 -7.91 -7.95
N LEU A 63 -17.92 -7.60 -7.53
CA LEU A 63 -17.42 -8.08 -6.24
C LEU A 63 -18.24 -7.55 -5.08
N LEU A 64 -18.49 -6.23 -5.04
CA LEU A 64 -19.28 -5.68 -3.95
C LEU A 64 -20.78 -5.81 -4.23
N ALA A 65 -21.21 -5.44 -5.45
CA ALA A 65 -22.64 -5.37 -5.76
C ALA A 65 -23.32 -6.74 -5.64
N ASP A 66 -22.64 -7.82 -6.01
CA ASP A 66 -23.24 -9.14 -5.92
C ASP A 66 -23.54 -9.57 -4.48
N LYS A 67 -23.04 -8.85 -3.47
CA LYS A 67 -23.35 -9.20 -2.09
C LYS A 67 -24.59 -8.50 -1.58
N PHE A 68 -25.21 -7.63 -2.38
CA PHE A 68 -26.34 -6.82 -1.96
C PHE A 68 -27.53 -7.09 -2.85
N PRO A 69 -28.74 -6.81 -2.35
CA PRO A 69 -29.94 -6.90 -3.18
C PRO A 69 -29.83 -5.96 -4.37
N PRO A 70 -30.69 -6.12 -5.38
CA PRO A 70 -30.50 -5.37 -6.64
C PRO A 70 -30.78 -3.89 -6.52
N HIS A 71 -31.47 -3.42 -5.48
CA HIS A 71 -31.70 -1.99 -5.32
C HIS A 71 -30.48 -1.25 -4.76
N PHE A 72 -29.37 -1.95 -4.55
CA PHE A 72 -28.12 -1.34 -4.12
C PHE A 72 -27.63 -0.31 -5.14
N LYS A 73 -27.39 0.92 -4.68
CA LYS A 73 -27.01 2.04 -5.53
C LYS A 73 -25.55 2.39 -5.26
N TYR A 74 -24.70 2.16 -6.26
CA TYR A 74 -23.26 2.21 -6.04
C TYR A 74 -22.57 2.51 -7.37
N VAL A 75 -21.67 3.49 -7.37
CA VAL A 75 -20.81 3.69 -8.54
C VAL A 75 -19.37 3.61 -8.07
N PRO A 76 -18.61 2.59 -8.50
CA PRO A 76 -17.22 2.47 -8.10
C PRO A 76 -16.33 3.43 -8.87
N ASN A 77 -15.15 3.68 -8.30
CA ASN A 77 -14.06 4.43 -8.92
C ASN A 77 -14.56 5.53 -9.86
N VAL A 78 -15.25 6.53 -9.29
CA VAL A 78 -15.90 7.55 -10.09
C VAL A 78 -14.90 8.39 -10.90
N ALA A 79 -13.63 8.40 -10.50
CA ALA A 79 -12.61 9.16 -11.24
C ALA A 79 -12.47 8.71 -12.69
N THR A 80 -12.76 7.43 -12.99
CA THR A 80 -12.59 6.94 -14.36
C THR A 80 -13.78 7.23 -15.26
N THR A 81 -14.96 7.47 -14.71
CA THR A 81 -16.17 7.68 -15.50
C THR A 81 -16.77 9.07 -15.31
N CYS A 82 -16.24 9.89 -14.41
CA CYS A 82 -16.83 11.20 -14.12
C CYS A 82 -15.78 12.29 -14.27
N PRO A 83 -15.64 12.87 -15.48
CA PRO A 83 -14.57 13.85 -15.71
C PRO A 83 -14.60 15.03 -14.75
N THR A 84 -15.78 15.39 -14.24
CA THR A 84 -15.85 16.50 -13.29
C THR A 84 -15.11 16.16 -12.00
N PHE A 85 -15.22 14.91 -11.54
CA PHE A 85 -14.47 14.53 -10.36
C PHE A 85 -12.98 14.48 -10.67
N ARG A 86 -12.62 13.83 -11.78
CA ARG A 86 -11.22 13.61 -12.12
C ARG A 86 -10.50 14.93 -12.37
N ASN A 87 -11.14 15.90 -13.04
CA ASN A 87 -10.48 17.12 -13.50
C ASN A 87 -10.70 18.32 -12.58
N THR A 88 -11.63 18.24 -11.64
CA THR A 88 -11.94 19.40 -10.82
C THR A 88 -11.98 19.04 -9.33
N VAL A 89 -12.88 18.11 -8.94
CA VAL A 89 -13.04 17.82 -7.52
C VAL A 89 -11.77 17.20 -6.94
N LEU A 90 -11.22 16.20 -7.62
CA LEU A 90 -10.10 15.44 -7.08
C LEU A 90 -8.85 16.28 -6.87
N ILE A 91 -8.66 17.36 -7.63
CA ILE A 91 -7.45 18.17 -7.48
C ILE A 91 -7.73 19.50 -6.76
N ASN A 92 -8.87 19.62 -6.07
CA ASN A 92 -9.21 20.88 -5.42
C ASN A 92 -8.10 21.31 -4.44
N PRO A 93 -7.60 22.54 -4.54
CA PRO A 93 -6.38 22.88 -3.78
C PRO A 93 -6.58 23.03 -2.29
N VAL A 94 -7.79 23.33 -1.82
CA VAL A 94 -8.04 23.39 -0.38
C VAL A 94 -7.97 21.98 0.22
N ILE A 95 -8.64 21.03 -0.44
CA ILE A 95 -8.57 19.64 0.02
C ILE A 95 -7.12 19.18 0.14
N HIS A 96 -6.30 19.51 -0.84
CA HIS A 96 -4.91 19.07 -0.82
C HIS A 96 -4.07 19.84 0.18
N ALA A 97 -4.39 21.11 0.44
CA ALA A 97 -3.74 21.82 1.54
C ALA A 97 -3.98 21.11 2.87
N ILE A 98 -5.23 20.72 3.13
CA ILE A 98 -5.56 19.98 4.34
C ILE A 98 -4.79 18.65 4.37
N CYS A 99 -4.85 17.88 3.28
CA CYS A 99 -4.14 16.60 3.24
C CYS A 99 -2.65 16.77 3.53
N GLU A 100 -2.02 17.81 2.97
CA GLU A 100 -0.58 17.94 3.17
C GLU A 100 -0.25 18.23 4.63
N ALA A 101 -1.06 19.05 5.30
CA ALA A 101 -0.85 19.31 6.72
C ALA A 101 -1.15 18.06 7.54
N TYR A 102 -2.31 17.44 7.28
CA TYR A 102 -2.70 16.22 7.98
C TYR A 102 -1.65 15.12 7.85
N PHE A 103 -1.10 14.93 6.64
CA PHE A 103 -0.20 13.81 6.39
C PHE A 103 1.26 14.19 6.59
N GLN A 104 1.51 15.32 7.26
CA GLN A 104 2.86 15.85 7.40
C GLN A 104 3.82 14.84 8.05
N ARG A 105 3.36 14.09 9.06
CA ARG A 105 4.24 13.12 9.71
C ARG A 105 4.31 11.80 8.95
N THR A 106 3.38 11.55 8.02
CA THR A 106 3.32 10.32 7.26
C THR A 106 3.99 10.40 5.90
N GLY A 107 4.00 11.57 5.29
CA GLY A 107 4.52 11.70 3.95
C GLY A 107 3.42 11.73 2.91
N ASP A 108 3.72 11.27 1.70
CA ASP A 108 2.77 11.39 0.61
C ASP A 108 1.51 10.56 0.86
N TYR A 109 0.45 10.95 0.15
CA TYR A 109 -0.87 10.33 0.22
C TYR A 109 -1.40 10.21 -1.19
N TRP A 110 -2.35 9.29 -1.40
CA TRP A 110 -3.01 9.21 -2.69
C TRP A 110 -4.43 8.70 -2.49
N LEU A 111 -5.16 8.60 -3.59
CA LEU A 111 -6.56 8.24 -3.52
C LEU A 111 -6.71 6.73 -3.44
N SER A 112 -7.26 6.23 -2.34
CA SER A 112 -7.52 4.80 -2.23
C SER A 112 -8.80 4.41 -2.93
N ALA A 113 -9.83 5.25 -2.84
CA ALA A 113 -11.15 4.94 -3.36
C ALA A 113 -11.94 6.23 -3.41
N ALA A 114 -12.80 6.35 -4.44
CA ALA A 114 -13.86 7.35 -4.39
C ALA A 114 -15.04 6.77 -5.14
N PHE A 115 -16.19 6.69 -4.47
CA PHE A 115 -17.34 5.99 -5.00
C PHE A 115 -18.62 6.66 -4.51
N LEU A 116 -19.70 6.46 -5.27
CA LEU A 116 -21.02 6.95 -4.92
C LEU A 116 -21.79 5.93 -4.09
N ARG A 117 -22.51 6.43 -3.09
CA ARG A 117 -23.59 5.68 -2.48
C ARG A 117 -24.84 6.55 -2.48
N GLU A 118 -26.00 5.92 -2.69
CA GLU A 118 -27.30 6.57 -2.56
C GLU A 118 -28.11 5.81 -1.52
N ILE A 119 -28.68 6.56 -0.57
CA ILE A 119 -29.46 5.99 0.53
C ILE A 119 -30.92 6.36 0.31
N GLU A 120 -31.75 5.35 0.05
CA GLU A 120 -33.16 5.57 -0.28
C GLU A 120 -33.97 5.95 0.96
N SER A 121 -35.14 6.53 0.72
CA SER A 121 -36.11 6.71 1.80
C SER A 121 -36.39 5.37 2.48
N GLY A 122 -36.68 5.43 3.78
CA GLY A 122 -36.95 4.23 4.53
C GLY A 122 -35.74 3.41 4.95
N MET A 123 -34.53 3.93 4.78
CA MET A 123 -33.40 3.12 5.20
C MET A 123 -33.04 3.44 6.65
N PRO A 124 -32.66 2.45 7.44
CA PRO A 124 -32.22 2.72 8.82
C PRO A 124 -30.81 3.28 8.85
N ALA A 125 -30.46 3.76 10.03
CA ALA A 125 -29.14 4.34 10.25
C ALA A 125 -28.10 3.24 10.41
N GLN A 126 -26.92 3.49 9.86
CA GLN A 126 -25.75 2.64 10.04
C GLN A 126 -25.39 2.52 11.51
N PRO A 127 -24.75 1.42 11.93
CA PRO A 127 -24.10 1.40 13.24
C PRO A 127 -22.84 2.26 13.27
N PHE A 128 -22.57 2.80 14.46
CA PHE A 128 -21.33 3.55 14.67
C PHE A 128 -20.12 2.66 14.47
N HIS A 129 -19.10 3.22 13.83
CA HIS A 129 -17.94 2.44 13.43
C HIS A 129 -16.75 3.38 13.21
N ARG A 130 -15.59 2.77 13.04
CA ARG A 130 -14.38 3.42 12.57
C ARG A 130 -14.04 2.87 11.18
N ASP A 131 -13.33 3.68 10.39
CA ASP A 131 -13.00 3.30 9.02
C ASP A 131 -11.65 2.58 9.01
N ASP A 132 -11.64 1.38 9.58
CA ASP A 132 -10.40 0.61 9.67
C ASP A 132 -10.55 -0.79 9.09
N ALA A 133 -11.50 -1.00 8.18
CA ALA A 133 -11.77 -2.34 7.67
C ALA A 133 -11.12 -2.62 6.33
N THR A 134 -11.04 -1.64 5.42
CA THR A 134 -10.43 -1.93 4.12
C THR A 134 -8.98 -2.34 4.29
N HIS A 135 -8.26 -1.64 5.18
CA HIS A 135 -6.87 -1.93 5.54
C HIS A 135 -6.86 -2.31 7.02
N PRO A 136 -7.18 -3.57 7.34
CA PRO A 136 -7.34 -3.98 8.75
C PRO A 136 -6.14 -3.68 9.65
N LEU A 137 -4.91 -3.61 9.12
CA LEU A 137 -3.79 -3.23 9.97
C LEU A 137 -4.03 -1.91 10.68
N MET A 138 -4.86 -1.02 10.11
CA MET A 138 -5.16 0.27 10.74
C MET A 138 -5.78 0.09 12.12
N HIS A 139 -6.50 -1.02 12.32
CA HIS A 139 -7.12 -1.30 13.60
C HIS A 139 -6.09 -1.37 14.72
N TYR A 140 -4.85 -1.72 14.40
CA TYR A 140 -3.83 -1.94 15.41
C TYR A 140 -2.89 -0.76 15.54
N GLN A 141 -3.02 0.25 14.68
CA GLN A 141 -2.19 1.45 14.80
C GLN A 141 -2.57 2.20 16.09
N PRO A 142 -1.62 2.54 16.94
CA PRO A 142 -1.96 3.33 18.12
C PRO A 142 -2.29 4.77 17.73
N LEU A 143 -3.01 5.43 18.65
CA LEU A 143 -3.47 6.79 18.38
C LEU A 143 -2.32 7.74 18.07
N GLU A 144 -1.17 7.55 18.73
CA GLU A 144 -0.01 8.42 18.58
C GLU A 144 0.65 8.30 17.21
N ALA A 145 0.46 7.19 16.51
CA ALA A 145 1.17 6.99 15.25
C ALA A 145 0.72 8.04 14.23
N PRO A 146 1.57 8.39 13.27
CA PRO A 146 1.13 9.30 12.20
C PRO A 146 -0.05 8.71 11.46
N PRO A 147 -1.06 9.51 11.17
CA PRO A 147 -2.26 8.98 10.51
C PRO A 147 -1.96 8.57 9.08
N VAL A 148 -2.63 7.50 8.64
CA VAL A 148 -2.47 6.97 7.29
C VAL A 148 -3.75 7.05 6.47
N SER A 149 -4.84 7.61 7.00
CA SER A 149 -6.09 7.67 6.23
C SER A 149 -6.91 8.89 6.63
N LEU A 150 -7.59 9.47 5.64
CA LEU A 150 -8.49 10.59 5.84
C LEU A 150 -9.74 10.34 5.02
N SER A 151 -10.90 10.48 5.65
CA SER A 151 -12.19 10.30 4.98
C SER A 151 -12.70 11.66 4.53
N VAL A 152 -13.00 11.78 3.24
CA VAL A 152 -13.49 13.03 2.65
C VAL A 152 -14.85 12.76 2.05
N ILE A 153 -15.88 13.45 2.54
CA ILE A 153 -17.27 13.08 2.26
C ILE A 153 -17.97 14.21 1.52
N PHE A 154 -18.43 13.94 0.28
CA PHE A 154 -19.06 14.94 -0.56
C PHE A 154 -20.57 14.72 -0.59
N PRO A 155 -21.37 15.55 0.07
CA PRO A 155 -22.82 15.49 -0.14
C PRO A 155 -23.18 15.97 -1.54
N LEU A 156 -23.92 15.15 -2.28
CA LEU A 156 -24.38 15.53 -3.61
C LEU A 156 -25.87 15.82 -3.64
N THR A 157 -26.57 15.56 -2.56
CA THR A 157 -27.85 16.17 -2.26
C THR A 157 -27.70 16.87 -0.93
N GLU A 158 -28.78 17.52 -0.50
CA GLU A 158 -28.81 18.08 0.84
C GLU A 158 -28.70 16.98 1.89
N PHE A 159 -27.88 17.22 2.91
CA PHE A 159 -27.86 16.39 4.11
C PHE A 159 -28.67 17.12 5.18
N THR A 160 -29.72 16.48 5.68
CA THR A 160 -30.59 17.08 6.69
C THR A 160 -30.78 16.10 7.84
N GLU A 161 -31.28 16.61 8.96
CA GLU A 161 -31.57 15.71 10.08
C GLU A 161 -32.52 14.59 9.68
N GLU A 162 -33.45 14.87 8.76
CA GLU A 162 -34.44 13.84 8.44
C GLU A 162 -33.90 12.80 7.46
N ASN A 163 -33.08 13.21 6.47
CA ASN A 163 -32.65 12.26 5.45
C ASN A 163 -31.33 11.57 5.77
N GLY A 164 -30.77 11.80 6.95
CA GLY A 164 -29.71 10.94 7.42
C GLY A 164 -28.31 11.52 7.39
N ALA A 165 -28.20 12.85 7.59
CA ALA A 165 -26.90 13.50 7.69
C ALA A 165 -25.95 12.71 8.57
N THR A 166 -24.69 12.61 8.13
CA THR A 166 -23.69 11.80 8.83
C THR A 166 -23.60 12.16 10.31
N GLU A 167 -23.56 11.14 11.16
CA GLU A 167 -23.47 11.33 12.59
C GLU A 167 -22.01 11.16 13.00
N VAL A 168 -21.42 12.19 13.59
CA VAL A 168 -20.01 12.20 13.97
C VAL A 168 -19.93 12.43 15.47
N ILE A 169 -19.13 11.62 16.15
CA ILE A 169 -18.91 11.79 17.58
C ILE A 169 -17.56 12.51 17.75
N LEU A 170 -17.63 13.80 18.08
CA LEU A 170 -16.43 14.61 18.20
C LEU A 170 -15.54 14.08 19.33
N GLY A 171 -14.22 14.09 19.11
CA GLY A 171 -13.26 13.60 20.07
C GLY A 171 -13.12 12.09 20.16
N SER A 172 -13.93 11.32 19.45
CA SER A 172 -13.98 9.87 19.67
C SER A 172 -12.77 9.15 19.11
N HIS A 173 -11.93 9.80 18.29
CA HIS A 173 -10.70 9.16 17.86
C HIS A 173 -9.77 8.88 19.03
N ARG A 174 -9.97 9.56 20.15
CA ARG A 174 -9.21 9.28 21.36
C ARG A 174 -9.78 8.13 22.19
N TRP A 175 -10.97 7.62 21.87
CA TRP A 175 -11.51 6.47 22.59
C TRP A 175 -10.72 5.21 22.31
N THR A 176 -10.70 4.30 23.27
CA THR A 176 -10.01 3.03 23.08
C THR A 176 -10.75 2.13 22.10
N GLU A 177 -12.06 1.98 22.30
CA GLU A 177 -12.89 1.13 21.47
C GLU A 177 -14.12 1.92 21.05
N VAL A 178 -14.82 1.41 20.04
CA VAL A 178 -16.07 2.04 19.65
C VAL A 178 -17.12 1.85 20.74
N GLY A 179 -17.18 0.64 21.30
CA GLY A 179 -18.27 0.34 22.23
C GLY A 179 -19.60 0.39 21.52
N THR A 180 -20.61 0.89 22.23
CA THR A 180 -21.96 1.01 21.69
C THR A 180 -22.52 2.36 22.07
N PRO A 181 -22.10 3.42 21.39
CA PRO A 181 -22.49 4.78 21.81
C PRO A 181 -23.96 5.06 21.51
N GLU A 182 -24.53 5.95 22.32
CA GLU A 182 -25.88 6.45 22.06
C GLU A 182 -25.87 7.45 20.90
N ARG A 183 -26.96 7.46 20.14
CA ARG A 183 -27.06 8.38 19.00
C ARG A 183 -26.93 9.83 19.43
N ASP A 184 -27.44 10.19 20.62
CA ASP A 184 -27.36 11.57 21.06
C ASP A 184 -25.95 12.01 21.46
N GLN A 185 -24.96 11.10 21.48
CA GLN A 185 -23.58 11.53 21.64
C GLN A 185 -23.03 12.19 20.38
N ALA A 186 -23.68 11.97 19.24
CA ALA A 186 -23.18 12.45 17.96
C ALA A 186 -23.80 13.79 17.61
N VAL A 187 -23.08 14.56 16.79
CA VAL A 187 -23.61 15.75 16.14
C VAL A 187 -23.76 15.45 14.65
N LEU A 188 -24.57 16.26 13.97
CA LEU A 188 -24.97 15.97 12.61
C LEU A 188 -24.20 16.84 11.63
N ALA A 189 -23.71 16.23 10.55
CA ALA A 189 -23.06 16.96 9.46
C ALA A 189 -24.11 17.37 8.42
N THR A 190 -25.03 18.22 8.87
CA THR A 190 -26.03 18.77 7.95
C THR A 190 -25.34 19.75 7.01
N MET A 191 -25.60 19.61 5.71
CA MET A 191 -24.80 20.27 4.69
C MET A 191 -25.63 20.52 3.44
N ASP A 192 -25.17 21.42 2.62
CA ASP A 192 -25.63 21.68 1.27
C ASP A 192 -24.70 21.01 0.26
N PRO A 193 -25.21 20.56 -0.89
CA PRO A 193 -24.31 20.03 -1.91
C PRO A 193 -23.26 21.08 -2.24
N GLY A 194 -22.02 20.64 -2.40
CA GLY A 194 -20.90 21.55 -2.53
C GLY A 194 -20.13 21.78 -1.25
N ASP A 195 -20.74 21.51 -0.10
CA ASP A 195 -19.99 21.38 1.13
C ASP A 195 -19.20 20.08 1.12
N VAL A 196 -18.20 20.00 2.00
CA VAL A 196 -17.37 18.81 2.14
C VAL A 196 -17.14 18.54 3.62
N LEU A 197 -17.31 17.27 4.03
CA LEU A 197 -17.03 16.82 5.38
C LEU A 197 -15.70 16.06 5.42
N ILE A 198 -14.80 16.50 6.30
CA ILE A 198 -13.49 15.90 6.49
C ILE A 198 -13.47 15.20 7.84
N VAL A 199 -13.11 13.92 7.87
CA VAL A 199 -13.20 13.09 9.08
C VAL A 199 -11.86 12.41 9.29
N ARG A 200 -11.26 12.66 10.45
CA ARG A 200 -9.97 12.10 10.81
C ARG A 200 -10.07 10.59 11.01
N GLN A 201 -8.95 9.90 10.79
CA GLN A 201 -8.82 8.49 11.12
C GLN A 201 -9.28 8.24 12.56
N ARG A 202 -9.93 7.10 12.78
CA ARG A 202 -10.38 6.61 14.09
C ARG A 202 -11.60 7.33 14.64
N VAL A 203 -12.13 8.34 13.97
CA VAL A 203 -13.28 9.04 14.51
C VAL A 203 -14.52 8.16 14.34
N VAL A 204 -15.30 8.03 15.40
CA VAL A 204 -16.50 7.17 15.37
C VAL A 204 -17.64 7.91 14.71
N HIS A 205 -18.31 7.25 13.77
CA HIS A 205 -19.31 7.93 12.96
C HIS A 205 -20.28 6.89 12.41
N ALA A 206 -21.38 7.38 11.86
CA ALA A 206 -22.36 6.49 11.24
C ALA A 206 -23.15 7.26 10.20
N GLY A 207 -23.39 6.61 9.06
CA GLY A 207 -24.41 7.12 8.16
C GLY A 207 -25.77 7.13 8.83
N GLY A 208 -26.52 8.21 8.62
CA GLY A 208 -27.79 8.36 9.28
C GLY A 208 -28.95 7.63 8.65
N GLY A 209 -28.71 6.83 7.59
CA GLY A 209 -29.81 6.23 6.87
C GLY A 209 -30.57 7.28 6.07
N ASN A 210 -31.90 7.23 6.15
CA ASN A 210 -32.77 8.18 5.47
C ASN A 210 -34.21 7.95 5.90
N ARG A 211 -34.73 8.81 6.77
CA ARG A 211 -36.05 8.60 7.33
C ARG A 211 -37.12 9.44 6.66
N THR A 212 -36.81 10.13 5.57
CA THR A 212 -37.87 10.74 4.79
C THR A 212 -38.77 9.66 4.19
N THR A 213 -39.98 10.07 3.82
CA THR A 213 -40.99 9.16 3.28
C THR A 213 -41.45 9.57 1.88
N ALA A 214 -40.93 10.67 1.34
CA ALA A 214 -41.36 11.17 0.04
C ALA A 214 -40.52 10.64 -1.12
N GLY A 215 -39.65 9.68 -0.86
CA GLY A 215 -38.91 9.04 -1.93
C GLY A 215 -37.74 9.82 -2.49
N LYS A 216 -37.13 10.71 -1.71
CA LYS A 216 -36.00 11.49 -2.20
C LYS A 216 -34.72 10.91 -1.61
N PRO A 217 -33.85 10.31 -2.43
CA PRO A 217 -32.64 9.68 -1.87
C PRO A 217 -31.58 10.72 -1.53
N ARG A 218 -30.75 10.34 -0.56
CA ARG A 218 -29.57 11.10 -0.19
C ARG A 218 -28.36 10.52 -0.90
N ARG A 219 -27.63 11.36 -1.61
CA ARG A 219 -26.51 10.91 -2.43
C ARG A 219 -25.20 11.43 -1.88
N VAL A 220 -24.20 10.57 -1.85
CA VAL A 220 -22.91 10.90 -1.25
C VAL A 220 -21.81 10.24 -2.06
N VAL A 221 -20.70 10.95 -2.25
CA VAL A 221 -19.48 10.37 -2.77
C VAL A 221 -18.46 10.35 -1.63
N LEU A 222 -17.92 9.18 -1.37
CA LEU A 222 -16.96 8.99 -0.29
C LEU A 222 -15.59 8.81 -0.92
N ALA A 223 -14.63 9.62 -0.48
CA ALA A 223 -13.25 9.50 -0.95
C ALA A 223 -12.36 9.23 0.24
N TYR A 224 -11.43 8.29 0.08
CA TYR A 224 -10.46 7.98 1.13
C TYR A 224 -9.08 8.33 0.60
N PHE A 225 -8.45 9.31 1.22
CA PHE A 225 -7.07 9.65 0.93
C PHE A 225 -6.22 8.96 1.99
N ASN A 226 -5.31 8.09 1.51
CA ASN A 226 -4.48 7.25 2.35
C ASN A 226 -3.01 7.55 2.09
N SER A 227 -2.21 7.35 3.13
CA SER A 227 -0.78 7.24 2.96
C SER A 227 -0.46 6.35 1.75
N VAL A 228 0.52 6.80 0.95
CA VAL A 228 0.98 5.97 -0.17
C VAL A 228 1.60 4.66 0.28
N GLN A 229 1.86 4.51 1.59
CA GLN A 229 2.24 3.20 2.10
C GLN A 229 1.11 2.17 1.98
N LEU A 230 -0.12 2.62 1.85
CA LEU A 230 -1.30 1.75 1.82
C LEU A 230 -1.76 1.53 0.39
N THR A 231 -1.97 0.27 0.03
CA THR A 231 -2.38 -0.11 -1.31
C THR A 231 -3.75 0.50 -1.63
N PRO A 232 -3.90 1.16 -2.77
CA PRO A 232 -5.22 1.68 -3.15
C PRO A 232 -6.24 0.55 -3.28
N PHE A 233 -7.41 0.76 -2.68
CA PHE A 233 -8.52 -0.17 -2.83
C PHE A 233 -8.89 -0.30 -4.31
N GLU A 234 -9.11 0.84 -4.97
CA GLU A 234 -9.34 0.91 -6.41
C GLU A 234 -8.03 1.18 -7.13
N THR A 235 -7.71 0.38 -8.16
CA THR A 235 -6.51 0.61 -8.93
C THR A 235 -6.88 1.31 -10.24
N TYR A 236 -6.27 2.49 -10.47
CA TYR A 236 -6.57 3.27 -11.66
C TYR A 236 -5.62 2.95 -12.80
N ARG A 237 -4.92 1.82 -12.73
CA ARG A 237 -3.91 1.48 -13.73
C ARG A 237 -4.48 1.14 -15.10
N THR A 238 -5.77 0.85 -15.23
CA THR A 238 -6.29 0.53 -16.56
C THR A 238 -6.82 1.75 -17.29
N MET A 239 -6.72 2.94 -16.72
CA MET A 239 -7.11 4.14 -17.43
C MET A 239 -6.31 4.25 -18.73
N PRO A 240 -6.93 4.70 -19.82
CA PRO A 240 -6.18 4.86 -21.07
C PRO A 240 -5.19 6.00 -20.94
N ARG A 241 -4.07 5.85 -21.63
CA ARG A 241 -2.99 6.83 -21.53
C ARG A 241 -3.50 8.23 -21.87
N GLU A 242 -4.32 8.35 -22.91
CA GLU A 242 -4.84 9.66 -23.29
C GLU A 242 -5.60 10.30 -22.15
N MET A 243 -6.34 9.50 -21.37
CA MET A 243 -7.05 10.06 -20.23
C MET A 243 -6.09 10.48 -19.13
N VAL A 244 -5.09 9.63 -18.85
CA VAL A 244 -4.12 9.92 -17.80
C VAL A 244 -3.35 11.19 -18.14
N GLU A 245 -2.85 11.29 -19.37
CA GLU A 245 -2.04 12.45 -19.73
C GLU A 245 -2.86 13.73 -19.79
N SER A 246 -4.17 13.63 -19.89
CA SER A 246 -4.97 14.85 -19.80
C SER A 246 -5.16 15.34 -18.37
N MET A 247 -4.67 14.61 -17.37
CA MET A 247 -4.75 15.05 -16.00
C MET A 247 -3.52 15.88 -15.61
N THR A 248 -3.66 16.68 -14.56
CA THR A 248 -2.52 17.38 -13.97
C THR A 248 -1.61 16.39 -13.25
N VAL A 249 -0.39 16.86 -12.95
CA VAL A 249 0.58 16.05 -12.20
C VAL A 249 -0.04 15.57 -10.89
N LEU A 250 -0.69 16.49 -10.17
CA LEU A 250 -1.33 16.13 -8.92
C LEU A 250 -2.38 15.03 -9.10
N GLY A 251 -3.18 15.11 -10.15
CA GLY A 251 -4.18 14.08 -10.39
C GLY A 251 -3.57 12.74 -10.72
N GLN A 252 -2.49 12.74 -11.51
CA GLN A 252 -1.74 11.52 -11.76
C GLN A 252 -1.13 10.95 -10.49
N ARG A 253 -0.67 11.83 -9.59
CA ARG A 253 -0.14 11.37 -8.31
C ARG A 253 -1.24 10.73 -7.46
N MET A 254 -2.44 11.33 -7.47
CA MET A 254 -3.54 10.79 -6.68
C MET A 254 -3.98 9.42 -7.19
N LEU A 255 -3.87 9.17 -8.49
CA LEU A 255 -4.37 7.94 -9.09
C LEU A 255 -3.31 6.87 -9.29
N GLY A 256 -2.16 6.97 -8.62
CA GLY A 256 -1.23 5.87 -8.58
C GLY A 256 -0.28 5.76 -9.76
N TRP A 257 -0.28 6.75 -10.64
CA TRP A 257 0.51 6.73 -11.87
C TRP A 257 1.93 7.28 -11.70
N ARG A 258 2.32 7.72 -10.51
CA ARG A 258 3.61 8.34 -10.29
C ARG A 258 4.30 7.74 -9.07
N THR A 259 5.62 7.83 -9.06
CA THR A 259 6.37 7.44 -7.87
C THR A 259 6.09 8.45 -6.77
N MET A 260 6.04 7.95 -5.53
CA MET A 260 5.65 8.74 -4.38
C MET A 260 6.65 8.52 -3.25
N LYS A 261 6.50 9.31 -2.20
CA LYS A 261 7.50 9.39 -1.13
C LYS A 261 6.83 9.27 0.25
N PRO A 262 6.88 8.11 0.89
CA PRO A 262 6.57 8.06 2.32
C PRO A 262 7.62 8.85 3.10
N SER A 263 7.29 9.17 4.34
CA SER A 263 8.18 9.96 5.16
C SER A 263 9.49 9.20 5.40
N ASP A 264 10.56 9.97 5.60
CA ASP A 264 11.74 9.40 6.23
C ASP A 264 11.31 8.60 7.45
N PRO A 265 11.90 7.43 7.73
CA PRO A 265 13.16 6.85 7.22
C PRO A 265 13.13 6.22 5.83
N ASN A 266 11.99 6.20 5.14
CA ASN A 266 12.03 5.87 3.72
C ASN A 266 12.61 7.09 3.01
N ILE A 267 13.89 7.01 2.62
CA ILE A 267 14.54 8.14 1.95
C ILE A 267 14.54 7.99 0.45
N VAL A 268 13.90 6.95 -0.07
CA VAL A 268 13.95 6.60 -1.48
C VAL A 268 12.63 6.90 -2.18
N GLY A 269 11.56 6.23 -1.74
CA GLY A 269 10.26 6.43 -2.32
C GLY A 269 9.49 5.12 -2.35
N ILE A 270 8.46 5.08 -3.19
CA ILE A 270 7.61 3.91 -3.30
C ILE A 270 6.92 3.98 -4.66
N ASN A 271 6.49 2.83 -5.18
CA ASN A 271 5.81 2.77 -6.48
C ASN A 271 6.77 3.18 -7.60
N LEU A 272 7.92 2.51 -7.64
CA LEU A 272 8.95 2.80 -8.63
C LEU A 272 9.31 1.51 -9.36
N ILE A 273 10.08 1.65 -10.44
CA ILE A 273 10.49 0.51 -11.23
C ILE A 273 11.80 0.86 -11.92
N ASP A 274 12.65 -0.15 -12.13
CA ASP A 274 13.99 0.01 -12.70
C ASP A 274 14.83 1.04 -11.93
N ASP A 275 14.56 1.18 -10.64
CA ASP A 275 15.16 2.23 -9.81
C ASP A 275 14.93 3.63 -10.38
N LYS A 276 13.87 3.79 -11.18
CA LYS A 276 13.49 5.07 -11.74
C LYS A 276 12.05 5.39 -11.37
N ARG A 277 11.69 6.67 -11.50
CA ARG A 277 10.30 7.06 -11.27
C ARG A 277 9.40 6.46 -12.34
N LEU A 278 8.23 5.99 -11.89
CA LEU A 278 7.27 5.35 -12.79
C LEU A 278 6.92 6.24 -13.96
N GLU A 279 6.69 7.54 -13.71
CA GLU A 279 6.33 8.45 -14.77
C GLU A 279 7.44 8.60 -15.80
N ASN A 280 8.70 8.36 -15.43
CA ASN A 280 9.78 8.46 -16.40
C ASN A 280 9.88 7.20 -17.23
N VAL A 281 9.70 6.04 -16.61
CA VAL A 281 9.67 4.78 -17.36
C VAL A 281 8.49 4.78 -18.34
N LEU A 282 7.36 5.36 -17.95
CA LEU A 282 6.20 5.42 -18.84
C LEU A 282 6.23 6.61 -19.80
N GLN A 283 7.21 7.51 -19.66
CA GLN A 283 7.24 8.78 -20.39
C GLN A 283 5.88 9.46 -20.35
N LEU A 284 5.34 9.57 -19.14
CA LEU A 284 4.01 10.14 -18.95
C LEU A 284 4.06 11.67 -19.06
N LYS A 285 3.23 12.23 -19.93
CA LYS A 285 3.04 13.66 -19.95
C LYS A 285 1.89 14.03 -19.03
N ALA A 286 1.81 15.31 -18.68
CA ALA A 286 0.71 15.81 -17.86
C ALA A 286 0.27 17.18 -18.36
N ALA A 287 -0.98 17.52 -18.07
CA ALA A 287 -1.58 18.74 -18.60
C ALA A 287 -0.89 20.01 -18.11
N ASP A 288 -0.32 20.00 -16.91
CA ASP A 288 0.30 21.20 -16.38
C ASP A 288 1.82 21.08 -16.26
N SER A 289 2.40 20.05 -16.87
CA SER A 289 3.85 20.03 -17.08
C SER A 289 4.40 21.35 -17.62
N PRO A 290 3.79 21.98 -18.63
CA PRO A 290 4.41 23.20 -19.18
C PRO A 290 4.42 24.36 -18.20
N ALA A 291 3.51 24.39 -17.23
CA ALA A 291 3.55 25.44 -16.23
C ALA A 291 4.50 25.11 -15.09
N LEU A 292 4.64 23.83 -14.76
CA LEU A 292 5.52 23.46 -13.66
C LEU A 292 6.99 23.59 -14.05
N GLU A 293 7.32 23.58 -15.34
CA GLU A 293 8.71 23.70 -15.83
C GLU A 293 8.75 24.82 -16.87
N VAL A 294 9.04 26.04 -16.42
CA VAL A 294 9.02 27.21 -17.29
C VAL A 294 10.40 27.44 -17.93
N ASP A 295 11.40 27.66 -17.07
CA ASP A 295 12.75 27.99 -17.51
C ASP A 295 13.66 26.77 -17.67
N LEU A 296 13.12 25.55 -17.51
CA LEU A 296 13.83 24.30 -17.75
C LEU A 296 14.87 23.97 -16.67
N GLN A 297 14.98 24.78 -15.61
CA GLN A 297 15.90 24.51 -14.51
C GLN A 297 15.20 24.31 -13.17
N GLY A 298 13.90 23.94 -13.19
CA GLY A 298 13.12 23.75 -11.98
C GLY A 298 13.44 22.52 -11.15
N ASP A 299 14.39 21.67 -11.57
CA ASP A 299 14.79 20.46 -10.83
C ASP A 299 13.59 19.64 -10.33
N LYS B 6 25.65 -20.42 22.70
CA LYS B 6 24.50 -19.69 22.17
C LYS B 6 23.68 -20.57 21.25
N PRO B 7 22.36 -20.48 21.36
CA PRO B 7 21.51 -21.10 20.34
C PRO B 7 21.81 -20.52 18.98
N GLN B 8 21.88 -21.39 17.98
CA GLN B 8 22.19 -20.98 16.62
C GLN B 8 20.92 -20.92 15.77
N LEU B 9 21.06 -20.40 14.55
CA LEU B 9 19.98 -20.49 13.57
C LEU B 9 19.71 -21.95 13.24
N GLN B 10 18.45 -22.34 13.30
CA GLN B 10 18.08 -23.69 12.90
C GLN B 10 18.21 -23.84 11.40
N ARG B 11 18.83 -24.93 10.98
CA ARG B 11 18.89 -25.33 9.58
C ARG B 11 17.88 -26.45 9.37
N LEU B 12 17.02 -26.29 8.38
CA LEU B 12 15.96 -27.25 8.12
C LEU B 12 16.08 -27.78 6.70
N ALA B 13 15.77 -29.06 6.53
CA ALA B 13 15.62 -29.59 5.19
C ALA B 13 14.46 -28.90 4.49
N ALA B 14 14.55 -28.80 3.17
CA ALA B 14 13.52 -28.11 2.40
C ALA B 14 12.16 -28.77 2.56
N ASP B 15 12.11 -30.03 2.99
CA ASP B 15 10.84 -30.74 3.14
C ASP B 15 10.40 -30.83 4.60
N ALA B 16 10.96 -30.01 5.48
CA ALA B 16 10.55 -30.03 6.87
C ALA B 16 9.10 -29.59 7.00
N ASP B 17 8.50 -29.91 8.14
CA ASP B 17 7.10 -29.60 8.38
C ASP B 17 6.90 -28.10 8.57
N VAL B 18 5.90 -27.55 7.87
CA VAL B 18 5.69 -26.10 7.91
C VAL B 18 5.29 -25.62 9.31
N ASP B 19 4.63 -26.48 10.10
CA ASP B 19 4.32 -26.10 11.48
C ASP B 19 5.60 -25.89 12.29
N ARG B 20 6.65 -26.65 11.98
CA ARG B 20 7.92 -26.44 12.67
C ARG B 20 8.57 -25.12 12.24
N MET B 21 8.58 -24.84 10.93
CA MET B 21 9.05 -23.55 10.45
C MET B 21 8.30 -22.40 11.12
N CYS B 22 6.97 -22.48 11.17
CA CYS B 22 6.19 -21.38 11.73
C CYS B 22 6.48 -21.19 13.22
N ARG B 23 6.73 -22.29 13.93
CA ARG B 23 7.07 -22.19 15.35
C ARG B 23 8.44 -21.58 15.55
N LEU B 24 9.39 -21.87 14.66
CA LEU B 24 10.69 -21.22 14.73
C LEU B 24 10.57 -19.72 14.50
N LEU B 25 9.70 -19.30 13.59
CA LEU B 25 9.51 -17.88 13.34
C LEU B 25 8.93 -17.16 14.55
N GLU B 26 8.09 -17.83 15.32
CA GLU B 26 7.50 -17.17 16.49
C GLU B 26 8.42 -17.22 17.70
N GLU B 27 9.27 -18.24 17.81
CA GLU B 27 10.19 -18.33 18.93
C GLU B 27 11.52 -17.66 18.61
N ASP B 28 12.19 -18.11 17.54
CA ASP B 28 13.48 -17.56 17.16
C ASP B 28 13.36 -16.30 16.32
N GLY B 29 12.37 -16.25 15.43
CA GLY B 29 12.24 -15.16 14.50
C GLY B 29 12.90 -15.37 13.18
N ALA B 30 13.58 -16.50 12.97
CA ALA B 30 14.32 -16.72 11.74
C ALA B 30 14.78 -18.18 11.69
N PHE B 31 15.02 -18.67 10.48
CA PHE B 31 15.59 -20.00 10.29
C PHE B 31 16.13 -20.08 8.87
N ILE B 32 16.88 -21.15 8.59
CA ILE B 32 17.50 -21.37 7.30
C ILE B 32 16.92 -22.63 6.68
N LEU B 33 16.66 -22.57 5.37
CA LEU B 33 16.29 -23.73 4.57
C LEU B 33 17.50 -24.21 3.81
N LYS B 34 17.93 -25.44 4.07
CA LYS B 34 19.09 -26.00 3.40
C LYS B 34 18.72 -26.49 2.01
N GLY B 35 19.49 -26.07 1.01
CA GLY B 35 19.35 -26.56 -0.35
C GLY B 35 17.94 -26.53 -0.89
N LEU B 36 17.25 -25.40 -0.74
CA LEU B 36 15.92 -25.28 -1.29
C LEU B 36 15.95 -25.24 -2.81
N LEU B 37 16.85 -24.46 -3.37
CA LEU B 37 17.05 -24.27 -4.81
C LEU B 37 18.17 -25.16 -5.30
N PRO B 38 17.95 -25.99 -6.32
CA PRO B 38 19.02 -26.85 -6.84
C PRO B 38 20.09 -26.04 -7.55
N PHE B 39 21.19 -26.72 -7.88
CA PHE B 39 22.34 -26.03 -8.45
C PHE B 39 22.00 -25.37 -9.79
N ASP B 40 21.21 -26.04 -10.62
CA ASP B 40 20.87 -25.47 -11.92
C ASP B 40 20.06 -24.18 -11.78
N VAL B 41 19.16 -24.12 -10.80
CA VAL B 41 18.38 -22.89 -10.57
C VAL B 41 19.31 -21.76 -10.16
N VAL B 42 20.14 -22.00 -9.15
CA VAL B 42 21.12 -21.02 -8.69
C VAL B 42 21.99 -20.55 -9.84
N GLU B 43 22.49 -21.49 -10.65
CA GLU B 43 23.40 -21.10 -11.73
C GLU B 43 22.65 -20.36 -12.83
N SER B 44 21.44 -20.81 -13.17
CA SER B 44 20.61 -20.08 -14.12
C SER B 44 20.36 -18.66 -13.64
N PHE B 45 19.97 -18.52 -12.37
CA PHE B 45 19.73 -17.21 -11.79
C PHE B 45 20.99 -16.35 -11.83
N ASN B 46 22.15 -16.94 -11.50
CA ASN B 46 23.39 -16.16 -11.49
C ASN B 46 23.77 -15.68 -12.90
N ARG B 47 23.61 -16.55 -13.90
CA ARG B 47 23.80 -16.14 -15.29
C ARG B 47 22.98 -14.90 -15.62
N GLU B 48 21.66 -14.97 -15.39
CA GLU B 48 20.77 -13.87 -15.74
C GLU B 48 21.16 -12.59 -15.00
N LEU B 49 21.55 -12.70 -13.74
CA LEU B 49 21.99 -11.53 -12.99
C LEU B 49 23.31 -10.98 -13.52
N ASP B 50 24.16 -11.84 -14.11
CA ASP B 50 25.41 -11.36 -14.70
C ASP B 50 25.15 -10.48 -15.90
N VAL B 51 24.13 -10.81 -16.70
CA VAL B 51 23.78 -9.97 -17.84
C VAL B 51 23.36 -8.59 -17.37
N GLN B 52 22.62 -8.52 -16.26
CA GLN B 52 22.18 -7.23 -15.75
C GLN B 52 23.33 -6.45 -15.15
N MET B 53 24.21 -7.12 -14.40
CA MET B 53 25.40 -6.46 -13.86
C MET B 53 26.26 -5.86 -14.96
N ALA B 54 26.19 -6.42 -16.18
CA ALA B 54 27.00 -5.96 -17.29
C ALA B 54 26.44 -4.69 -17.94
N ILE B 55 25.33 -4.18 -17.46
CA ILE B 55 24.76 -2.95 -18.05
C ILE B 55 25.57 -1.76 -17.59
N PRO B 56 25.84 -0.78 -18.47
CA PRO B 56 26.66 0.37 -18.07
C PRO B 56 25.92 1.27 -17.09
N PRO B 57 26.63 2.06 -16.30
CA PRO B 57 25.99 3.01 -15.39
C PRO B 57 25.13 3.98 -16.18
N PRO B 58 23.91 4.27 -15.71
CA PRO B 58 22.96 5.04 -16.51
C PRO B 58 23.24 6.53 -16.53
N LYS B 59 22.63 7.20 -17.50
CA LYS B 59 22.81 8.63 -17.71
C LYS B 59 21.77 9.46 -16.95
N GLY B 60 20.91 8.83 -16.16
CA GLY B 60 19.90 9.54 -15.42
C GLY B 60 19.77 9.14 -13.97
N GLU B 61 18.73 9.68 -13.33
CA GLU B 61 18.47 9.47 -11.92
C GLU B 61 18.30 8.01 -11.57
N ARG B 62 18.88 7.59 -10.44
CA ARG B 62 18.66 6.26 -9.88
C ARG B 62 18.27 6.45 -8.42
N LEU B 63 16.98 6.26 -8.13
CA LEU B 63 16.42 6.72 -6.85
C LEU B 63 17.12 6.09 -5.65
N LEU B 64 17.35 4.78 -5.69
CA LEU B 64 18.01 4.10 -4.59
C LEU B 64 19.52 4.31 -4.66
N ALA B 65 20.14 3.85 -5.76
CA ALA B 65 21.59 3.81 -5.85
C ALA B 65 22.24 5.19 -5.67
N ASP B 66 21.56 6.26 -6.09
CA ASP B 66 22.15 7.60 -5.94
C ASP B 66 22.30 8.03 -4.49
N LYS B 67 21.60 7.38 -3.56
CA LYS B 67 21.73 7.72 -2.15
C LYS B 67 22.97 7.10 -1.50
N PHE B 68 23.72 6.26 -2.20
CA PHE B 68 24.78 5.48 -1.56
C PHE B 68 26.09 5.63 -2.32
N PRO B 69 27.21 5.28 -1.68
CA PRO B 69 28.53 5.39 -2.34
C PRO B 69 28.60 4.55 -3.60
N PRO B 70 29.57 4.83 -4.48
CA PRO B 70 29.61 4.15 -5.78
C PRO B 70 29.91 2.65 -5.73
N HIS B 71 30.52 2.15 -4.65
CA HIS B 71 30.83 0.73 -4.56
C HIS B 71 29.57 -0.07 -4.21
N PHE B 72 28.41 0.47 -4.59
CA PHE B 72 27.11 -0.13 -4.38
C PHE B 72 26.74 -0.90 -5.64
N LYS B 73 26.68 -2.23 -5.52
CA LYS B 73 26.26 -3.09 -6.63
C LYS B 73 24.83 -3.54 -6.40
N TYR B 74 23.97 -3.33 -7.40
CA TYR B 74 22.53 -3.40 -7.15
C TYR B 74 21.78 -3.63 -8.45
N VAL B 75 20.92 -4.64 -8.46
CA VAL B 75 20.01 -4.89 -9.58
C VAL B 75 18.59 -4.83 -9.03
N PRO B 76 17.80 -3.82 -9.40
CA PRO B 76 16.43 -3.73 -8.90
C PRO B 76 15.49 -4.69 -9.61
N ASN B 77 14.35 -4.92 -8.96
CA ASN B 77 13.22 -5.68 -9.50
C ASN B 77 13.65 -6.83 -10.42
N VAL B 78 14.38 -7.80 -9.86
CA VAL B 78 14.96 -8.86 -10.68
C VAL B 78 13.92 -9.73 -11.36
N ALA B 79 12.65 -9.65 -10.93
CA ALA B 79 11.60 -10.41 -11.58
C ALA B 79 11.38 -9.99 -13.02
N THR B 80 11.66 -8.73 -13.37
CA THR B 80 11.41 -8.31 -14.75
C THR B 80 12.54 -8.67 -15.70
N THR B 81 13.73 -8.99 -15.18
CA THR B 81 14.88 -9.27 -16.03
C THR B 81 15.42 -10.70 -15.90
N CYS B 82 15.03 -11.44 -14.87
CA CYS B 82 15.63 -12.76 -14.61
C CYS B 82 14.55 -13.83 -14.62
N PRO B 83 14.34 -14.52 -15.75
CA PRO B 83 13.23 -15.49 -15.82
C PRO B 83 13.28 -16.60 -14.78
N THR B 84 14.48 -16.95 -14.28
CA THR B 84 14.58 -18.01 -13.28
C THR B 84 13.96 -17.58 -11.94
N PHE B 85 14.12 -16.31 -11.56
CA PHE B 85 13.41 -15.83 -10.38
C PHE B 85 11.92 -15.76 -10.65
N ARG B 86 11.54 -15.21 -11.81
CA ARG B 86 10.15 -14.93 -12.09
C ARG B 86 9.30 -16.19 -12.17
N ASN B 87 9.78 -17.24 -12.82
CA ASN B 87 8.95 -18.41 -13.04
C ASN B 87 9.41 -19.64 -12.26
N THR B 88 10.38 -19.49 -11.36
CA THR B 88 10.80 -20.63 -10.56
C THR B 88 10.95 -20.24 -9.09
N VAL B 89 11.86 -19.32 -8.78
CA VAL B 89 12.11 -18.96 -7.39
C VAL B 89 10.90 -18.27 -6.78
N LEU B 90 10.32 -17.30 -7.50
CA LEU B 90 9.21 -16.51 -6.96
C LEU B 90 8.03 -17.38 -6.56
N ILE B 91 7.85 -18.53 -7.21
CA ILE B 91 6.67 -19.35 -7.00
C ILE B 91 7.00 -20.65 -6.28
N ASN B 92 8.15 -20.71 -5.59
CA ASN B 92 8.57 -21.91 -4.89
C ASN B 92 7.52 -22.34 -3.86
N PRO B 93 6.99 -23.56 -3.94
CA PRO B 93 5.87 -23.93 -3.06
C PRO B 93 6.23 -23.99 -1.58
N VAL B 94 7.50 -24.13 -1.23
CA VAL B 94 7.86 -24.12 0.18
C VAL B 94 7.84 -22.70 0.74
N ILE B 95 8.43 -21.75 0.02
CA ILE B 95 8.31 -20.34 0.42
C ILE B 95 6.86 -19.98 0.64
N HIS B 96 6.00 -20.38 -0.29
CA HIS B 96 4.59 -19.96 -0.17
C HIS B 96 3.87 -20.73 0.93
N ALA B 97 4.24 -21.98 1.18
CA ALA B 97 3.67 -22.67 2.34
C ALA B 97 3.98 -21.90 3.62
N ILE B 98 5.23 -21.43 3.75
CA ILE B 98 5.60 -20.61 4.89
C ILE B 98 4.79 -19.31 4.90
N CYS B 99 4.70 -18.65 3.75
CA CYS B 99 4.02 -17.35 3.69
C CYS B 99 2.55 -17.49 4.09
N GLU B 100 1.86 -18.49 3.55
CA GLU B 100 0.46 -18.71 3.89
C GLU B 100 0.27 -18.91 5.39
N ALA B 101 1.15 -19.69 6.02
CA ALA B 101 1.08 -19.90 7.46
C ALA B 101 1.36 -18.60 8.21
N TYR B 102 2.40 -17.89 7.80
CA TYR B 102 2.84 -16.70 8.55
C TYR B 102 1.83 -15.56 8.43
N PHE B 103 1.23 -15.39 7.26
CA PHE B 103 0.30 -14.29 7.00
C PHE B 103 -1.16 -14.68 7.24
N GLN B 104 -1.43 -15.84 7.85
CA GLN B 104 -2.81 -16.28 8.02
C GLN B 104 -3.67 -15.22 8.72
N ARG B 105 -3.09 -14.47 9.64
CA ARG B 105 -3.87 -13.47 10.37
C ARG B 105 -4.07 -12.18 9.59
N THR B 106 -3.17 -11.85 8.66
CA THR B 106 -3.30 -10.62 7.90
C THR B 106 -3.97 -10.83 6.55
N GLY B 107 -3.95 -12.05 6.02
CA GLY B 107 -4.59 -12.30 4.75
C GLY B 107 -3.59 -12.45 3.62
N ASP B 108 -3.97 -12.03 2.41
CA ASP B 108 -3.09 -12.20 1.26
C ASP B 108 -1.83 -11.35 1.40
N TYR B 109 -0.77 -11.82 0.73
CA TYR B 109 0.53 -11.16 0.66
C TYR B 109 0.96 -11.07 -0.80
N TRP B 110 1.94 -10.22 -1.08
CA TRP B 110 2.53 -10.17 -2.41
C TRP B 110 3.96 -9.65 -2.31
N LEU B 111 4.61 -9.52 -3.46
CA LEU B 111 6.03 -9.16 -3.53
C LEU B 111 6.15 -7.64 -3.52
N SER B 112 6.74 -7.11 -2.45
CA SER B 112 7.01 -5.68 -2.41
C SER B 112 8.26 -5.33 -3.21
N ALA B 113 9.28 -6.17 -3.14
CA ALA B 113 10.54 -5.97 -3.84
C ALA B 113 11.34 -7.26 -3.84
N ALA B 114 12.07 -7.50 -4.92
CA ALA B 114 13.12 -8.51 -4.96
C ALA B 114 14.24 -7.96 -5.81
N PHE B 115 15.44 -7.93 -5.23
CA PHE B 115 16.56 -7.24 -5.87
C PHE B 115 17.86 -7.89 -5.42
N LEU B 116 18.90 -7.68 -6.23
CA LEU B 116 20.26 -8.17 -5.94
C LEU B 116 21.11 -7.08 -5.30
N ARG B 117 21.86 -7.47 -4.27
CA ARG B 117 22.96 -6.67 -3.74
C ARG B 117 24.24 -7.48 -3.83
N GLU B 118 25.35 -6.82 -4.16
CA GLU B 118 26.67 -7.44 -4.17
C GLU B 118 27.61 -6.63 -3.30
N ILE B 119 28.19 -7.30 -2.30
CA ILE B 119 29.00 -6.65 -1.27
C ILE B 119 30.47 -6.88 -1.58
N GLU B 120 31.23 -5.80 -1.78
CA GLU B 120 32.64 -5.87 -2.12
C GLU B 120 33.49 -6.15 -0.90
N SER B 121 34.71 -6.61 -1.14
CA SER B 121 35.68 -6.78 -0.05
C SER B 121 35.97 -5.44 0.60
N GLY B 122 36.19 -5.47 1.92
CA GLY B 122 36.42 -4.26 2.68
C GLY B 122 35.17 -3.46 2.98
N MET B 123 33.99 -4.06 2.89
CA MET B 123 32.85 -3.25 3.27
C MET B 123 32.46 -3.51 4.71
N PRO B 124 32.11 -2.46 5.45
CA PRO B 124 31.78 -2.63 6.87
C PRO B 124 30.35 -3.11 7.04
N ALA B 125 30.12 -3.74 8.18
CA ALA B 125 28.79 -4.24 8.51
C ALA B 125 27.83 -3.08 8.66
N GLN B 126 26.54 -3.39 8.44
CA GLN B 126 25.48 -2.46 8.78
C GLN B 126 25.35 -2.34 10.30
N PRO B 127 24.83 -1.23 10.79
CA PRO B 127 24.35 -1.22 12.18
C PRO B 127 23.14 -2.13 12.30
N PHE B 128 22.94 -2.65 13.51
CA PHE B 128 21.77 -3.46 13.77
C PHE B 128 20.52 -2.62 13.57
N HIS B 129 19.50 -3.24 12.98
CA HIS B 129 18.30 -2.49 12.65
C HIS B 129 17.15 -3.46 12.50
N ARG B 130 15.94 -2.91 12.43
CA ARG B 130 14.75 -3.63 12.00
C ARG B 130 14.33 -3.09 10.63
N ASP B 131 13.78 -3.97 9.78
CA ASP B 131 13.36 -3.62 8.41
C ASP B 131 11.98 -2.96 8.43
N ASP B 132 11.96 -1.74 8.97
CA ASP B 132 10.71 -1.01 9.12
C ASP B 132 10.79 0.37 8.47
N ALA B 133 11.72 0.57 7.54
CA ALA B 133 11.95 1.88 6.96
C ALA B 133 11.17 2.11 5.67
N THR B 134 10.95 1.08 4.86
CA THR B 134 10.24 1.29 3.60
C THR B 134 8.80 1.71 3.83
N HIS B 135 8.13 1.07 4.79
CA HIS B 135 6.75 1.36 5.19
C HIS B 135 6.81 1.79 6.65
N PRO B 136 7.12 3.07 6.91
CA PRO B 136 7.34 3.51 8.30
C PRO B 136 6.21 3.20 9.28
N LEU B 137 4.96 3.04 8.81
CA LEU B 137 3.88 2.74 9.75
C LEU B 137 4.15 1.45 10.52
N MET B 138 4.96 0.55 9.95
CA MET B 138 5.26 -0.71 10.61
C MET B 138 5.93 -0.51 11.95
N HIS B 139 6.68 0.59 12.10
CA HIS B 139 7.32 0.91 13.36
C HIS B 139 6.33 0.95 14.53
N TYR B 140 5.10 1.37 14.29
CA TYR B 140 4.11 1.61 15.35
C TYR B 140 3.19 0.42 15.57
N GLN B 141 3.27 -0.61 14.76
CA GLN B 141 2.42 -1.77 14.99
C GLN B 141 2.86 -2.50 16.27
N PRO B 142 1.93 -2.88 17.14
CA PRO B 142 2.31 -3.67 18.32
C PRO B 142 2.89 -5.03 17.93
N LEU B 143 3.67 -5.60 18.85
CA LEU B 143 4.19 -6.95 18.65
C LEU B 143 3.07 -7.94 18.34
N GLU B 144 1.95 -7.84 19.03
CA GLU B 144 0.88 -8.83 18.89
C GLU B 144 0.08 -8.68 17.59
N ALA B 145 0.20 -7.58 16.87
CA ALA B 145 -0.60 -7.36 15.67
C ALA B 145 -0.21 -8.36 14.58
N PRO B 146 -1.13 -8.69 13.67
CA PRO B 146 -0.81 -9.57 12.54
C PRO B 146 0.39 -9.05 11.78
N PRO B 147 1.40 -9.88 11.54
CA PRO B 147 2.57 -9.39 10.79
C PRO B 147 2.21 -9.05 9.36
N VAL B 148 2.89 -8.03 8.83
CA VAL B 148 2.62 -7.54 7.49
C VAL B 148 3.84 -7.64 6.58
N SER B 149 4.97 -8.14 7.07
CA SER B 149 6.17 -8.24 6.25
C SER B 149 6.98 -9.48 6.59
N LEU B 150 7.55 -10.11 5.56
CA LEU B 150 8.45 -11.24 5.72
C LEU B 150 9.66 -11.07 4.81
N SER B 151 10.86 -11.25 5.36
CA SER B 151 12.10 -11.18 4.60
C SER B 151 12.53 -12.57 4.16
N VAL B 152 12.87 -12.71 2.88
CA VAL B 152 13.31 -13.97 2.32
C VAL B 152 14.62 -13.71 1.59
N ILE B 153 15.70 -14.34 2.05
CA ILE B 153 17.06 -13.93 1.69
C ILE B 153 17.77 -15.09 1.01
N PHE B 154 18.18 -14.88 -0.25
CA PHE B 154 18.75 -15.91 -1.11
C PHE B 154 20.25 -15.66 -1.27
N PRO B 155 21.11 -16.38 -0.58
CA PRO B 155 22.55 -16.28 -0.88
C PRO B 155 22.80 -16.82 -2.28
N LEU B 156 23.53 -16.05 -3.09
CA LEU B 156 23.88 -16.49 -4.44
C LEU B 156 25.36 -16.73 -4.63
N THR B 157 26.19 -16.33 -3.67
CA THR B 157 27.50 -16.90 -3.41
C THR B 157 27.44 -17.51 -2.01
N GLU B 158 28.53 -18.15 -1.60
CA GLU B 158 28.58 -18.67 -0.24
C GLU B 158 28.58 -17.51 0.76
N PHE B 159 27.87 -17.71 1.88
CA PHE B 159 27.88 -16.80 3.03
C PHE B 159 28.82 -17.38 4.08
N THR B 160 29.91 -16.68 4.36
CA THR B 160 30.87 -17.15 5.36
C THR B 160 31.05 -16.12 6.48
N GLU B 161 31.70 -16.56 7.55
CA GLU B 161 32.02 -15.64 8.64
C GLU B 161 32.88 -14.48 8.16
N GLU B 162 33.72 -14.68 7.14
CA GLU B 162 34.61 -13.66 6.62
C GLU B 162 33.95 -12.71 5.63
N ASN B 163 33.10 -13.22 4.74
CA ASN B 163 32.59 -12.38 3.66
C ASN B 163 31.31 -11.64 4.02
N GLY B 164 30.85 -11.76 5.27
CA GLY B 164 29.78 -10.92 5.77
C GLY B 164 28.40 -11.56 5.83
N ALA B 165 28.34 -12.82 6.26
CA ALA B 165 27.05 -13.49 6.45
C ALA B 165 26.17 -12.70 7.41
N THR B 166 24.86 -12.71 7.14
CA THR B 166 23.91 -11.89 7.91
C THR B 166 23.96 -12.22 9.39
N GLU B 167 23.98 -11.18 10.21
CA GLU B 167 23.94 -11.31 11.66
C GLU B 167 22.50 -11.12 12.12
N VAL B 168 21.97 -12.10 12.85
CA VAL B 168 20.57 -12.13 13.27
C VAL B 168 20.52 -12.32 14.78
N ILE B 169 19.75 -11.50 15.47
CA ILE B 169 19.60 -11.63 16.91
C ILE B 169 18.30 -12.38 17.19
N LEU B 170 18.42 -13.63 17.63
CA LEU B 170 17.26 -14.49 17.77
C LEU B 170 16.37 -14.03 18.92
N GLY B 171 15.05 -14.10 18.71
CA GLY B 171 14.08 -13.60 19.66
C GLY B 171 13.98 -12.10 19.77
N SER B 172 14.77 -11.34 19.00
CA SER B 172 14.76 -9.89 19.18
C SER B 172 13.50 -9.21 18.63
N HIS B 173 12.66 -9.92 17.87
CA HIS B 173 11.36 -9.36 17.53
C HIS B 173 10.53 -9.04 18.77
N ARG B 174 10.82 -9.66 19.91
CA ARG B 174 10.08 -9.37 21.13
C ARG B 174 10.62 -8.16 21.90
N TRP B 175 11.75 -7.61 21.51
CA TRP B 175 12.25 -6.42 22.19
C TRP B 175 11.33 -5.23 21.89
N THR B 176 11.21 -4.33 22.87
CA THR B 176 10.44 -3.12 22.61
C THR B 176 11.20 -2.18 21.67
N GLU B 177 12.53 -2.22 21.69
CA GLU B 177 13.31 -1.38 20.78
C GLU B 177 14.63 -2.06 20.46
N VAL B 178 15.32 -1.51 19.47
CA VAL B 178 16.57 -2.10 19.00
C VAL B 178 17.65 -1.97 20.08
N GLY B 179 17.74 -0.81 20.71
CA GLY B 179 18.74 -0.68 21.74
C GLY B 179 20.12 -0.56 21.10
N THR B 180 21.12 -0.99 21.84
CA THR B 180 22.52 -0.92 21.41
C THR B 180 23.15 -2.30 21.53
N PRO B 181 22.69 -3.26 20.71
CA PRO B 181 23.13 -4.64 20.92
C PRO B 181 24.55 -4.89 20.41
N GLU B 182 25.23 -5.81 21.10
CA GLU B 182 26.55 -6.25 20.71
C GLU B 182 26.50 -7.26 19.58
N ARG B 183 27.58 -7.32 18.81
CA ARG B 183 27.66 -8.29 17.73
C ARG B 183 27.61 -9.73 18.26
N ASP B 184 28.11 -9.98 19.47
CA ASP B 184 28.09 -11.36 19.95
C ASP B 184 26.73 -11.78 20.48
N GLN B 185 25.74 -10.89 20.49
CA GLN B 185 24.34 -11.27 20.71
C GLN B 185 23.71 -11.87 19.47
N ALA B 186 24.37 -11.78 18.33
CA ALA B 186 23.85 -12.28 17.08
C ALA B 186 24.47 -13.62 16.75
N VAL B 187 23.83 -14.32 15.82
CA VAL B 187 24.39 -15.52 15.22
C VAL B 187 24.48 -15.28 13.73
N LEU B 188 25.27 -16.10 13.06
CA LEU B 188 25.60 -15.89 11.66
C LEU B 188 24.76 -16.80 10.78
N ALA B 189 24.21 -16.22 9.71
CA ALA B 189 23.50 -16.99 8.69
C ALA B 189 24.48 -17.48 7.63
N THR B 190 25.44 -18.29 8.08
CA THR B 190 26.37 -18.92 7.14
C THR B 190 25.60 -19.93 6.30
N MET B 191 25.77 -19.84 4.99
CA MET B 191 24.94 -20.59 4.05
C MET B 191 25.70 -20.87 2.76
N ASP B 192 25.26 -21.87 2.05
CA ASP B 192 25.64 -22.18 0.68
C ASP B 192 24.59 -21.69 -0.29
N PRO B 193 25.01 -21.32 -1.50
CA PRO B 193 24.04 -21.01 -2.57
C PRO B 193 23.01 -22.11 -2.69
N GLY B 194 21.73 -21.72 -2.75
CA GLY B 194 20.64 -22.65 -2.74
C GLY B 194 19.93 -22.74 -1.40
N ASP B 195 20.60 -22.34 -0.32
CA ASP B 195 19.90 -22.17 0.94
C ASP B 195 19.05 -20.90 0.88
N VAL B 196 18.17 -20.74 1.86
CA VAL B 196 17.35 -19.54 2.00
C VAL B 196 17.23 -19.18 3.47
N LEU B 197 17.42 -17.91 3.79
CA LEU B 197 17.21 -17.38 5.13
C LEU B 197 15.85 -16.70 5.20
N ILE B 198 15.04 -17.04 6.21
CA ILE B 198 13.72 -16.47 6.44
C ILE B 198 13.76 -15.67 7.72
N VAL B 199 13.43 -14.38 7.65
CA VAL B 199 13.48 -13.49 8.83
C VAL B 199 12.11 -12.85 9.05
N ARG B 200 11.60 -12.99 10.27
CA ARG B 200 10.33 -12.40 10.67
C ARG B 200 10.44 -10.88 10.78
N GLN B 201 9.31 -10.22 10.64
CA GLN B 201 9.17 -8.80 10.98
C GLN B 201 9.63 -8.53 12.41
N ARG B 202 10.30 -7.40 12.60
CA ARG B 202 10.77 -6.85 13.88
C ARG B 202 12.07 -7.47 14.37
N VAL B 203 12.65 -8.43 13.65
CA VAL B 203 13.87 -9.09 14.10
C VAL B 203 15.06 -8.18 13.87
N VAL B 204 15.84 -7.94 14.92
CA VAL B 204 17.02 -7.09 14.80
C VAL B 204 18.12 -7.86 14.12
N HIS B 205 18.69 -7.29 13.05
CA HIS B 205 19.69 -7.96 12.24
C HIS B 205 20.61 -6.92 11.64
N ALA B 206 21.68 -7.38 11.01
CA ALA B 206 22.62 -6.49 10.33
C ALA B 206 23.29 -7.24 9.21
N GLY B 207 23.33 -6.63 8.02
CA GLY B 207 24.22 -7.12 6.98
C GLY B 207 25.65 -7.13 7.48
N GLY B 208 26.39 -8.18 7.15
CA GLY B 208 27.74 -8.31 7.66
C GLY B 208 28.81 -7.58 6.89
N GLY B 209 28.46 -6.80 5.87
CA GLY B 209 29.49 -6.24 5.00
C GLY B 209 30.27 -7.36 4.33
N ASN B 210 31.58 -7.15 4.18
CA ASN B 210 32.45 -8.18 3.61
C ASN B 210 33.89 -7.84 3.99
N ARG B 211 34.37 -8.48 5.06
CA ARG B 211 35.71 -8.21 5.55
C ARG B 211 36.76 -9.16 5.00
N THR B 212 36.47 -9.85 3.89
CA THR B 212 37.57 -10.44 3.14
C THR B 212 38.48 -9.33 2.66
N THR B 213 39.69 -9.71 2.25
CA THR B 213 40.64 -8.72 1.76
C THR B 213 40.76 -8.72 0.25
N ALA B 214 40.54 -9.87 -0.39
CA ALA B 214 40.47 -9.94 -1.84
C ALA B 214 39.70 -11.20 -2.21
N GLY B 215 38.72 -11.05 -3.09
CA GLY B 215 37.89 -12.17 -3.50
C GLY B 215 36.64 -11.67 -4.19
N LYS B 216 35.95 -12.61 -4.83
CA LYS B 216 34.69 -12.28 -5.49
C LYS B 216 33.72 -11.64 -4.49
N PRO B 217 32.89 -10.70 -4.95
CA PRO B 217 31.94 -10.07 -4.03
C PRO B 217 30.90 -11.05 -3.55
N ARG B 218 30.41 -10.83 -2.33
CA ARG B 218 29.29 -11.60 -1.83
C ARG B 218 28.01 -11.13 -2.50
N ARG B 219 27.18 -12.08 -2.92
CA ARG B 219 26.01 -11.80 -3.75
C ARG B 219 24.77 -12.33 -3.06
N VAL B 220 23.73 -11.50 -2.98
CA VAL B 220 22.50 -11.88 -2.28
C VAL B 220 21.30 -11.27 -2.99
N VAL B 221 20.21 -12.04 -3.07
CA VAL B 221 18.93 -11.54 -3.52
C VAL B 221 18.02 -11.46 -2.31
N LEU B 222 17.48 -10.26 -2.06
CA LEU B 222 16.56 -10.02 -0.95
C LEU B 222 15.16 -9.87 -1.50
N ALA B 223 14.22 -10.64 -0.97
CA ALA B 223 12.82 -10.56 -1.36
C ALA B 223 11.99 -10.22 -0.14
N TYR B 224 11.15 -9.20 -0.27
CA TYR B 224 10.23 -8.80 0.78
C TYR B 224 8.82 -9.15 0.36
N PHE B 225 8.18 -10.06 1.11
CA PHE B 225 6.78 -10.38 0.91
C PHE B 225 5.99 -9.62 1.98
N ASN B 226 5.02 -8.83 1.55
CA ASN B 226 4.23 -7.98 2.43
C ASN B 226 2.76 -8.31 2.30
N SER B 227 2.00 -8.05 3.36
CA SER B 227 0.55 -7.98 3.25
C SER B 227 0.19 -7.15 2.02
N VAL B 228 -0.85 -7.59 1.29
CA VAL B 228 -1.32 -6.80 0.15
C VAL B 228 -1.90 -5.45 0.57
N GLN B 229 -2.07 -5.22 1.88
CA GLN B 229 -2.43 -3.88 2.37
C GLN B 229 -1.33 -2.84 2.14
N LEU B 230 -0.11 -3.28 1.90
CA LEU B 230 1.06 -2.41 1.81
C LEU B 230 1.48 -2.27 0.36
N THR B 231 1.64 -1.03 -0.05
CA THR B 231 1.99 -0.70 -1.42
C THR B 231 3.33 -1.34 -1.76
N PRO B 232 3.43 -2.05 -2.87
CA PRO B 232 4.73 -2.59 -3.29
C PRO B 232 5.73 -1.48 -3.57
N PHE B 233 6.93 -1.64 -3.00
CA PHE B 233 8.03 -0.73 -3.32
C PHE B 233 8.30 -0.69 -4.82
N GLU B 234 8.49 -1.86 -5.41
CA GLU B 234 8.67 -1.99 -6.84
C GLU B 234 7.30 -2.26 -7.46
N THR B 235 6.93 -1.49 -8.48
CA THR B 235 5.71 -1.79 -9.23
C THR B 235 6.03 -2.55 -10.51
N TYR B 236 5.38 -3.70 -10.71
CA TYR B 236 5.61 -4.53 -11.88
C TYR B 236 4.58 -4.29 -12.99
N ARG B 237 3.86 -3.17 -12.92
CA ARG B 237 2.81 -2.86 -13.87
C ARG B 237 3.33 -2.50 -15.26
N THR B 238 4.63 -2.35 -15.46
CA THR B 238 5.13 -2.06 -16.80
C THR B 238 5.62 -3.30 -17.52
N MET B 239 5.50 -4.48 -16.89
CA MET B 239 5.80 -5.72 -17.59
C MET B 239 4.93 -5.86 -18.83
N PRO B 240 5.48 -6.34 -19.94
CA PRO B 240 4.65 -6.64 -21.13
C PRO B 240 3.57 -7.67 -20.82
N ARG B 241 2.43 -7.52 -21.51
CA ARG B 241 1.33 -8.46 -21.33
C ARG B 241 1.75 -9.90 -21.61
N GLU B 242 2.55 -10.11 -22.67
CA GLU B 242 3.05 -11.45 -22.97
C GLU B 242 3.84 -12.04 -21.80
N MET B 243 4.72 -11.23 -21.20
CA MET B 243 5.51 -11.72 -20.07
C MET B 243 4.61 -12.06 -18.88
N VAL B 244 3.61 -11.21 -18.61
CA VAL B 244 2.73 -11.44 -17.46
C VAL B 244 1.92 -12.72 -17.67
N GLU B 245 1.31 -12.86 -18.84
CA GLU B 245 0.44 -14.01 -19.14
C GLU B 245 1.22 -15.31 -19.24
N SER B 246 2.54 -15.24 -19.37
CA SER B 246 3.37 -16.43 -19.31
C SER B 246 3.54 -16.97 -17.90
N MET B 247 3.20 -16.18 -16.89
CA MET B 247 3.42 -16.58 -15.51
C MET B 247 2.23 -17.40 -15.00
N THR B 248 2.45 -18.09 -13.90
CA THR B 248 1.35 -18.76 -13.23
C THR B 248 0.47 -17.73 -12.51
N VAL B 249 -0.71 -18.18 -12.11
CA VAL B 249 -1.60 -17.35 -11.31
C VAL B 249 -0.88 -16.84 -10.07
N LEU B 250 -0.22 -17.75 -9.34
CA LEU B 250 0.57 -17.37 -8.17
C LEU B 250 1.58 -16.26 -8.50
N GLY B 251 2.32 -16.42 -9.60
CA GLY B 251 3.25 -15.37 -9.99
C GLY B 251 2.57 -14.03 -10.25
N GLN B 252 1.44 -14.05 -10.95
CA GLN B 252 0.72 -12.82 -11.23
C GLN B 252 0.21 -12.19 -9.95
N ARG B 253 -0.28 -13.01 -9.01
CA ARG B 253 -0.72 -12.46 -7.72
C ARG B 253 0.45 -11.80 -6.99
N MET B 254 1.64 -12.42 -7.02
CA MET B 254 2.80 -11.85 -6.32
C MET B 254 3.20 -10.50 -6.91
N LEU B 255 3.10 -10.35 -8.23
CA LEU B 255 3.58 -9.14 -8.89
C LEU B 255 2.50 -8.06 -9.07
N GLY B 256 1.36 -8.18 -8.40
CA GLY B 256 0.39 -7.09 -8.35
C GLY B 256 -0.60 -7.03 -9.50
N TRP B 257 -0.69 -8.08 -10.31
CA TRP B 257 -1.54 -8.08 -11.49
C TRP B 257 -2.93 -8.65 -11.22
N ARG B 258 -3.25 -9.02 -9.98
CA ARG B 258 -4.56 -9.58 -9.66
C ARG B 258 -5.16 -8.90 -8.43
N THR B 259 -6.48 -8.96 -8.35
CA THR B 259 -7.15 -8.53 -7.15
C THR B 259 -6.82 -9.48 -6.01
N MET B 260 -6.59 -8.93 -4.83
CA MET B 260 -6.11 -9.68 -3.67
C MET B 260 -7.07 -9.43 -2.52
N LYS B 261 -6.84 -10.12 -1.40
CA LYS B 261 -7.79 -10.13 -0.29
C LYS B 261 -7.07 -10.02 1.06
N PRO B 262 -7.07 -8.84 1.68
CA PRO B 262 -6.69 -8.76 3.09
C PRO B 262 -7.72 -9.50 3.93
N SER B 263 -7.34 -9.81 5.16
CA SER B 263 -8.24 -10.57 6.01
C SER B 263 -9.52 -9.78 6.28
N ASP B 264 -10.59 -10.51 6.64
CA ASP B 264 -11.78 -9.86 7.20
C ASP B 264 -11.30 -8.98 8.34
N PRO B 265 -11.94 -7.83 8.62
CA PRO B 265 -13.21 -7.33 8.08
C PRO B 265 -13.15 -6.68 6.70
N ASN B 266 -12.04 -6.74 5.98
CA ASN B 266 -12.14 -6.42 4.56
C ASN B 266 -12.88 -7.58 3.89
N ILE B 267 -14.09 -7.34 3.41
CA ILE B 267 -14.88 -8.43 2.84
C ILE B 267 -14.96 -8.36 1.31
N VAL B 268 -14.32 -7.39 0.66
CA VAL B 268 -14.37 -7.22 -0.79
C VAL B 268 -13.04 -7.58 -1.46
N GLY B 269 -11.93 -7.10 -0.91
CA GLY B 269 -10.64 -7.29 -1.51
C GLY B 269 -9.92 -5.96 -1.62
N ILE B 270 -8.89 -5.95 -2.48
CA ILE B 270 -8.07 -4.76 -2.69
C ILE B 270 -7.45 -4.92 -4.08
N ASN B 271 -7.05 -3.80 -4.68
CA ASN B 271 -6.48 -3.82 -6.04
C ASN B 271 -7.54 -4.29 -7.04
N LEU B 272 -8.69 -3.62 -7.04
CA LEU B 272 -9.76 -3.93 -7.97
C LEU B 272 -10.15 -2.65 -8.74
N ILE B 273 -11.04 -2.83 -9.73
CA ILE B 273 -11.49 -1.71 -10.55
C ILE B 273 -12.82 -2.09 -11.19
N ASP B 274 -13.69 -1.09 -11.36
CA ASP B 274 -15.01 -1.29 -11.96
C ASP B 274 -15.84 -2.32 -11.18
N ASP B 275 -15.56 -2.46 -9.88
CA ASP B 275 -16.17 -3.49 -9.04
C ASP B 275 -15.94 -4.89 -9.60
N LYS B 276 -14.83 -5.08 -10.34
CA LYS B 276 -14.45 -6.37 -10.91
C LYS B 276 -13.02 -6.73 -10.50
N ARG B 277 -12.68 -8.01 -10.64
CA ARG B 277 -11.29 -8.42 -10.45
C ARG B 277 -10.41 -7.80 -11.53
N LEU B 278 -9.20 -7.37 -11.14
CA LEU B 278 -8.29 -6.74 -12.07
C LEU B 278 -8.00 -7.66 -13.26
N GLU B 279 -7.76 -8.94 -12.98
CA GLU B 279 -7.44 -9.87 -14.04
C GLU B 279 -8.62 -10.09 -14.98
N ASN B 280 -9.86 -9.90 -14.52
CA ASN B 280 -10.99 -10.02 -15.43
C ASN B 280 -11.15 -8.78 -16.29
N VAL B 281 -10.89 -7.60 -15.73
CA VAL B 281 -10.90 -6.38 -16.54
C VAL B 281 -9.81 -6.46 -17.60
N LEU B 282 -8.63 -6.96 -17.25
CA LEU B 282 -7.56 -7.07 -18.22
C LEU B 282 -7.68 -8.28 -19.12
N GLN B 283 -8.62 -9.19 -18.83
CA GLN B 283 -8.74 -10.47 -19.54
C GLN B 283 -7.40 -11.20 -19.56
N LEU B 284 -6.80 -11.35 -18.38
CA LEU B 284 -5.46 -11.90 -18.24
C LEU B 284 -5.49 -13.42 -18.33
N LYS B 285 -4.78 -13.99 -19.30
CA LYS B 285 -4.50 -15.42 -19.24
C LYS B 285 -3.36 -15.69 -18.26
N ALA B 286 -3.23 -16.95 -17.87
CA ALA B 286 -2.11 -17.39 -17.04
C ALA B 286 -1.69 -18.79 -17.45
N ALA B 287 -0.46 -19.16 -17.10
CA ALA B 287 0.10 -20.44 -17.52
C ALA B 287 -0.73 -21.61 -17.03
N ASP B 288 -1.24 -21.53 -15.79
CA ASP B 288 -1.96 -22.63 -15.18
C ASP B 288 -3.45 -22.30 -15.01
N SER B 289 -3.99 -21.46 -15.88
CA SER B 289 -5.38 -21.00 -15.78
C SER B 289 -5.89 -20.68 -17.18
N PRO B 290 -6.72 -21.55 -17.76
CA PRO B 290 -7.41 -21.45 -19.07
C PRO B 290 -7.89 -20.05 -19.41
CO CO C . -17.35 4.81 7.92
S SO4 D . -19.37 -7.65 -17.92
O1 SO4 D . -20.36 -6.60 -18.17
O2 SO4 D . -19.49 -8.64 -19.00
O3 SO4 D . -18.05 -7.06 -17.89
O4 SO4 D . -19.65 -8.30 -16.65
CL CL E . -3.74 3.30 -23.54
C1 AKG F . -17.49 7.02 6.07
O1 AKG F . -17.02 8.01 5.47
O2 AKG F . -16.79 6.06 6.45
C2 AKG F . -18.91 6.96 6.36
O5 AKG F . -19.33 6.02 7.02
C3 AKG F . -19.87 8.02 5.86
C4 AKG F . -21.30 7.71 6.24
C5 AKG F . -22.11 8.85 5.70
O3 AKG F . -23.35 8.89 5.80
O4 AKG F . -21.46 9.74 5.11
CO CO G . 17.78 -5.21 7.01
S SO4 H . 9.17 -17.13 -19.82
O1 SO4 H . 7.89 -16.43 -19.83
O2 SO4 H . 9.81 -16.98 -21.13
O3 SO4 H . 10.02 -16.56 -18.77
O4 SO4 H . 8.93 -18.54 -19.56
S SO4 I . 13.95 1.83 17.99
O1 SO4 I . 12.87 2.67 18.49
O2 SO4 I . 14.62 2.50 16.87
O3 SO4 I . 13.38 0.56 17.52
O4 SO4 I . 14.91 1.58 19.06
FE FE2 J . 29.86 -9.29 24.92
C1 EDO K . 14.42 -1.51 -0.28
O1 EDO K . 14.35 -0.18 0.26
C2 EDO K . 13.56 -2.45 0.56
O2 EDO K . 12.19 -2.34 0.14
#